data_5SXG
#
_entry.id   5SXG
#
_cell.length_a   44.390
_cell.length_b   50.800
_cell.length_c   76.890
_cell.angle_alpha   90.00
_cell.angle_beta   102.86
_cell.angle_gamma   90.00
#
_symmetry.space_group_name_H-M   'P 1 21 1'
#
loop_
_entity.id
_entity.type
_entity.pdbx_description
1 polymer 'DNA dC->dU-editing enzyme APOBEC-3B'
2 non-polymer 'ZINC ION'
3 non-polymer 1,3-PROPANDIOL
4 non-polymer IMIDAZOLE
5 water water
#
_entity_poly.entity_id   1
_entity_poly.type   'polypeptide(L)'
_entity_poly.pdbx_seq_one_letter_code
;SEILRYLMDPDTFTSNFNNDPLVLRRRQTYLCYEVERLDNGTSVKMDQHMGFLCNESGRHAELRFLDLVPSLQLDPAQIY
RVTWFISWSPCFSWGCAGEVRAFLQENTHVRLRIKAARIYDYDPLYKEALQMLRDAGAQVSIMTYDEFEYCWDTFVYRQG
CPFQPWDGLEEHSQALSGRLRAILQ
;
_entity_poly.pdbx_strand_id   A,B
#
# COMPACT_ATOMS: atom_id res chain seq x y z
N ARG A 5 -15.15 -7.57 -31.97
CA ARG A 5 -14.50 -6.75 -30.95
C ARG A 5 -14.77 -5.27 -31.18
N TYR A 6 -15.04 -4.55 -30.10
CA TYR A 6 -15.42 -3.14 -30.17
C TYR A 6 -14.18 -2.25 -30.02
N LEU A 7 -14.21 -1.11 -30.73
CA LEU A 7 -13.08 -0.19 -30.79
C LEU A 7 -13.49 1.15 -30.19
N MET A 8 -12.53 1.83 -29.56
CA MET A 8 -12.85 3.07 -28.86
C MET A 8 -12.79 4.26 -29.81
N ASP A 9 -13.51 5.31 -29.44
CA ASP A 9 -13.53 6.52 -30.24
C ASP A 9 -12.13 7.15 -30.27
N PRO A 10 -11.72 7.75 -31.38
CA PRO A 10 -10.37 8.34 -31.44
C PRO A 10 -10.14 9.45 -30.41
N ASP A 11 -11.14 10.29 -30.17
CA ASP A 11 -10.95 11.37 -29.21
C ASP A 11 -10.80 10.84 -27.80
N THR A 12 -11.45 9.72 -27.48
CA THR A 12 -11.25 9.09 -26.17
C THR A 12 -9.83 8.57 -26.01
N PHE A 13 -9.31 7.93 -27.05
CA PHE A 13 -7.92 7.50 -27.01
C PHE A 13 -6.98 8.68 -26.82
N THR A 14 -7.12 9.69 -27.67
CA THR A 14 -6.19 10.82 -27.64
C THR A 14 -6.25 11.54 -26.30
N SER A 15 -7.46 11.79 -25.80
CA SER A 15 -7.60 12.50 -24.53
C SER A 15 -7.04 11.67 -23.38
N ASN A 16 -7.20 10.36 -23.42
CA ASN A 16 -6.80 9.55 -22.27
C ASN A 16 -5.35 9.11 -22.30
N PHE A 17 -4.71 9.03 -23.47
CA PHE A 17 -3.35 8.53 -23.53
C PHE A 17 -2.32 9.62 -23.81
N ASN A 18 -2.76 10.87 -24.03
CA ASN A 18 -1.84 11.99 -24.04
C ASN A 18 -0.93 11.93 -22.83
N ASN A 19 0.38 12.08 -23.04
CA ASN A 19 1.34 11.78 -21.98
C ASN A 19 2.02 13.02 -21.42
N ASP A 20 1.44 14.19 -21.61
CA ASP A 20 1.94 15.40 -20.93
C ASP A 20 1.65 15.28 -19.44
N PRO A 21 2.65 15.13 -18.58
CA PRO A 21 2.37 14.89 -17.15
C PRO A 21 1.94 16.12 -16.37
N LEU A 22 2.03 17.32 -16.94
CA LEU A 22 1.70 18.55 -16.22
C LEU A 22 0.36 19.12 -16.66
N VAL A 23 -0.59 18.26 -17.04
CA VAL A 23 -1.95 18.64 -17.34
C VAL A 23 -2.84 18.16 -16.21
N LEU A 24 -3.75 19.02 -15.77
CA LEU A 24 -4.78 18.60 -14.82
C LEU A 24 -5.82 17.76 -15.56
N ARG A 25 -6.08 16.56 -15.04
CA ARG A 25 -6.95 15.62 -15.70
C ARG A 25 -7.93 15.02 -14.70
N ARG A 26 -9.09 14.61 -15.21
CA ARG A 26 -9.96 13.75 -14.43
C ARG A 26 -9.24 12.44 -14.18
N ARG A 27 -9.54 11.82 -13.05
CA ARG A 27 -8.84 10.62 -12.61
C ARG A 27 -9.45 9.38 -13.24
N GLN A 28 -9.67 9.42 -14.55
CA GLN A 28 -10.15 8.27 -15.30
C GLN A 28 -8.95 7.53 -15.89
N THR A 29 -9.11 6.23 -16.07
CA THR A 29 -8.07 5.36 -16.63
C THR A 29 -8.66 4.55 -17.75
N TYR A 30 -7.96 4.45 -18.87
CA TYR A 30 -8.25 3.45 -19.88
C TYR A 30 -7.14 2.42 -19.93
N LEU A 31 -7.53 1.15 -20.09
CA LEU A 31 -6.63 0.01 -20.02
C LEU A 31 -6.98 -0.87 -21.22
N CYS A 32 -6.15 -0.82 -22.25
CA CYS A 32 -6.26 -1.73 -23.38
C CYS A 32 -5.46 -2.98 -23.05
N TYR A 33 -6.09 -4.14 -23.18
CA TYR A 33 -5.43 -5.38 -22.80
C TYR A 33 -5.39 -6.35 -23.96
N GLU A 34 -4.34 -7.16 -23.95
CA GLU A 34 -4.30 -8.33 -24.82
C GLU A 34 -3.70 -9.47 -24.03
N VAL A 35 -4.22 -10.66 -24.29
CA VAL A 35 -3.90 -11.89 -23.58
C VAL A 35 -3.58 -12.93 -24.63
N GLU A 36 -2.38 -13.51 -24.56
CA GLU A 36 -1.97 -14.50 -25.55
C GLU A 36 -1.27 -15.65 -24.85
N ARG A 37 -1.54 -16.87 -25.32
CA ARG A 37 -0.84 -18.03 -24.78
C ARG A 37 0.61 -18.03 -25.23
N LEU A 38 1.49 -18.50 -24.34
CA LEU A 38 2.91 -18.63 -24.68
C LEU A 38 3.31 -20.08 -24.91
N ASP A 47 -5.44 -18.46 -29.18
CA ASP A 47 -5.89 -18.36 -27.80
C ASP A 47 -5.73 -16.93 -27.28
N GLN A 48 -6.27 -15.96 -28.04
CA GLN A 48 -6.06 -14.55 -27.75
C GLN A 48 -7.36 -13.88 -27.31
N HIS A 49 -7.22 -12.91 -26.41
CA HIS A 49 -8.33 -12.06 -26.00
C HIS A 49 -7.85 -10.62 -25.97
N MET A 50 -8.69 -9.69 -26.43
CA MET A 50 -8.31 -8.29 -26.49
C MET A 50 -9.49 -7.43 -26.12
N GLY A 51 -9.23 -6.27 -25.56
CA GLY A 51 -10.32 -5.36 -25.27
C GLY A 51 -9.81 -4.12 -24.56
N PHE A 52 -10.74 -3.37 -23.98
CA PHE A 52 -10.36 -2.23 -23.17
C PHE A 52 -11.38 -1.98 -22.08
N LEU A 53 -10.91 -1.39 -20.98
CA LEU A 53 -11.69 -1.14 -19.78
C LEU A 53 -11.36 0.25 -19.27
N CYS A 54 -12.34 0.90 -18.65
CA CYS A 54 -12.07 2.13 -17.92
C CYS A 54 -12.57 1.98 -16.50
N ASN A 55 -12.30 2.98 -15.65
CA ASN A 55 -12.90 2.99 -14.32
C ASN A 55 -14.40 3.15 -14.45
N GLU A 56 -15.15 2.47 -13.57
CA GLU A 56 -16.61 2.57 -13.57
C GLU A 56 -17.10 2.58 -12.13
N SER A 57 -17.87 3.61 -11.80
CA SER A 57 -18.49 3.78 -10.47
C SER A 57 -17.50 3.52 -9.34
N GLY A 58 -16.32 4.12 -9.45
CA GLY A 58 -15.31 4.09 -8.41
C GLY A 58 -14.39 2.89 -8.43
N ARG A 59 -14.68 1.87 -9.24
CA ARG A 59 -13.84 0.68 -9.32
C ARG A 59 -12.82 0.86 -10.44
N HIS A 60 -11.55 0.73 -10.10
CA HIS A 60 -10.49 1.03 -11.05
C HIS A 60 -10.37 -0.07 -12.12
N ALA A 61 -9.95 0.36 -13.32
CA ALA A 61 -9.92 -0.53 -14.48
C ALA A 61 -9.09 -1.77 -14.20
N GLU A 62 -7.98 -1.62 -13.46
CA GLU A 62 -7.16 -2.79 -13.13
C GLU A 62 -8.00 -3.88 -12.49
N LEU A 63 -8.79 -3.49 -11.49
CA LEU A 63 -9.63 -4.46 -10.78
C LEU A 63 -10.70 -5.01 -11.69
N ARG A 64 -11.20 -4.20 -12.64
CA ARG A 64 -12.21 -4.73 -13.56
C ARG A 64 -11.60 -5.76 -14.49
N PHE A 65 -10.34 -5.58 -14.91
CA PHE A 65 -9.68 -6.62 -15.68
C PHE A 65 -9.59 -7.90 -14.86
N LEU A 66 -9.11 -7.79 -13.62
CA LEU A 66 -9.08 -8.98 -12.76
C LEU A 66 -10.47 -9.61 -12.66
N ASP A 67 -11.51 -8.77 -12.53
CA ASP A 67 -12.87 -9.28 -12.46
C ASP A 67 -13.19 -10.16 -13.66
N LEU A 68 -12.73 -9.76 -14.85
CA LEU A 68 -13.15 -10.51 -16.03
C LEU A 68 -12.24 -11.70 -16.34
N VAL A 69 -11.09 -11.84 -15.68
CA VAL A 69 -10.21 -12.98 -15.99
C VAL A 69 -10.99 -14.29 -16.07
N PRO A 70 -11.80 -14.68 -15.08
CA PRO A 70 -12.50 -15.97 -15.19
C PRO A 70 -13.33 -16.10 -16.45
N SER A 71 -13.96 -15.01 -16.89
CA SER A 71 -14.79 -15.08 -18.09
C SER A 71 -13.97 -15.36 -19.35
N LEU A 72 -12.65 -15.15 -19.30
CA LEU A 72 -11.81 -15.48 -20.45
C LEU A 72 -11.59 -16.99 -20.59
N GLN A 73 -11.88 -17.76 -19.55
CA GLN A 73 -11.78 -19.22 -19.61
C GLN A 73 -10.37 -19.65 -20.04
N LEU A 74 -9.38 -19.16 -19.31
CA LEU A 74 -8.00 -19.49 -19.60
C LEU A 74 -7.67 -20.89 -19.10
N ASP A 75 -6.87 -21.61 -19.86
CA ASP A 75 -6.48 -22.96 -19.48
C ASP A 75 -5.53 -22.90 -18.29
N PRO A 76 -5.90 -23.46 -17.13
CA PRO A 76 -4.99 -23.39 -15.97
C PRO A 76 -3.66 -24.10 -16.17
N ALA A 77 -3.51 -24.90 -17.22
CA ALA A 77 -2.28 -25.63 -17.48
C ALA A 77 -1.28 -24.85 -18.32
N GLN A 78 -1.71 -23.77 -18.99
CA GLN A 78 -0.88 -23.06 -19.94
C GLN A 78 -0.33 -21.77 -19.35
N ILE A 79 0.71 -21.25 -19.99
CA ILE A 79 1.27 -19.94 -19.67
C ILE A 79 0.63 -18.91 -20.58
N TYR A 80 0.37 -17.72 -20.03
CA TYR A 80 -0.22 -16.63 -20.78
C TYR A 80 0.54 -15.34 -20.50
N ARG A 81 0.81 -14.58 -21.55
CA ARG A 81 1.31 -13.23 -21.42
C ARG A 81 0.11 -12.29 -21.51
N VAL A 82 -0.04 -11.46 -20.49
CA VAL A 82 -1.05 -10.40 -20.45
C VAL A 82 -0.32 -9.08 -20.57
N THR A 83 -0.75 -8.26 -21.52
CA THR A 83 -0.19 -6.93 -21.73
C THR A 83 -1.29 -5.90 -21.45
N TRP A 84 -0.94 -4.90 -20.66
CA TRP A 84 -1.78 -3.73 -20.41
C TRP A 84 -1.09 -2.52 -21.00
N PHE A 85 -1.79 -1.81 -21.87
CA PHE A 85 -1.45 -0.45 -22.26
C PHE A 85 -2.39 0.44 -21.48
N ILE A 86 -1.87 1.04 -20.40
CA ILE A 86 -2.71 1.70 -19.41
C ILE A 86 -2.38 3.18 -19.36
N SER A 87 -3.41 4.03 -19.32
CA SER A 87 -3.17 5.47 -19.39
C SER A 87 -2.51 6.00 -18.14
N TRP A 88 -2.72 5.36 -17.00
CA TRP A 88 -2.11 5.72 -15.72
C TRP A 88 -1.45 4.48 -15.14
N SER A 89 -0.27 4.65 -14.55
CA SER A 89 0.32 3.52 -13.82
C SER A 89 -0.60 3.16 -12.65
N PRO A 90 -0.69 1.88 -12.29
CA PRO A 90 -1.67 1.48 -11.27
C PRO A 90 -1.37 2.09 -9.90
N CYS A 91 -2.44 2.33 -9.15
CA CYS A 91 -2.32 3.02 -7.89
C CYS A 91 -1.87 2.09 -6.76
N PHE A 92 -1.40 2.71 -5.69
CA PHE A 92 -1.15 2.04 -4.42
C PHE A 92 -2.26 2.33 -3.40
N SER A 93 -2.59 3.60 -3.23
CA SER A 93 -3.43 4.04 -2.12
C SER A 93 -4.87 3.56 -2.20
N TRP A 94 -5.33 3.02 -3.34
CA TRP A 94 -6.67 2.47 -3.43
C TRP A 94 -6.66 0.96 -3.67
N GLY A 95 -5.50 0.31 -3.54
CA GLY A 95 -5.43 -1.14 -3.45
C GLY A 95 -5.12 -1.88 -4.73
N CYS A 96 -4.97 -1.18 -5.86
CA CYS A 96 -4.77 -1.87 -7.13
C CYS A 96 -3.50 -2.70 -7.10
N ALA A 97 -2.37 -2.07 -6.78
CA ALA A 97 -1.09 -2.78 -6.79
C ALA A 97 -1.13 -4.03 -5.93
N GLY A 98 -1.79 -3.95 -4.77
CA GLY A 98 -1.85 -5.11 -3.90
C GLY A 98 -2.70 -6.24 -4.44
N GLU A 99 -3.85 -5.90 -5.05
CA GLU A 99 -4.67 -6.92 -5.67
C GLU A 99 -3.95 -7.57 -6.85
N VAL A 100 -3.19 -6.78 -7.61
CA VAL A 100 -2.43 -7.32 -8.73
C VAL A 100 -1.32 -8.23 -8.21
N ARG A 101 -0.67 -7.82 -7.13
CA ARG A 101 0.33 -8.66 -6.48
C ARG A 101 -0.29 -9.99 -6.07
N ALA A 102 -1.41 -9.97 -5.36
CA ALA A 102 -2.08 -11.22 -4.97
C ALA A 102 -2.37 -12.08 -6.20
N PHE A 103 -3.00 -11.49 -7.21
CA PHE A 103 -3.36 -12.25 -8.40
C PHE A 103 -2.13 -12.95 -8.99
N LEU A 104 -1.02 -12.20 -9.16
CA LEU A 104 0.14 -12.78 -9.82
C LEU A 104 0.84 -13.79 -8.92
N GLN A 105 0.85 -13.53 -7.61
CA GLN A 105 1.49 -14.44 -6.67
C GLN A 105 0.82 -15.80 -6.69
N GLU A 106 -0.50 -15.83 -6.86
CA GLU A 106 -1.11 -17.15 -6.99
C GLU A 106 -1.03 -17.66 -8.43
N ASN A 107 -1.61 -16.93 -9.38
CA ASN A 107 -1.65 -17.34 -10.78
C ASN A 107 -0.27 -17.19 -11.41
N THR A 108 0.61 -18.14 -11.10
CA THR A 108 1.98 -18.08 -11.57
C THR A 108 2.12 -18.33 -13.06
N HIS A 109 1.09 -18.81 -13.73
CA HIS A 109 1.16 -19.02 -15.17
C HIS A 109 0.90 -17.73 -15.96
N VAL A 110 0.59 -16.63 -15.28
CA VAL A 110 0.37 -15.34 -15.93
C VAL A 110 1.65 -14.52 -15.82
N ARG A 111 2.14 -14.05 -16.96
CA ARG A 111 3.22 -13.07 -17.00
C ARG A 111 2.63 -11.75 -17.45
N LEU A 112 2.78 -10.72 -16.64
CA LEU A 112 2.12 -9.44 -16.85
C LEU A 112 3.13 -8.39 -17.29
N ARG A 113 2.81 -7.70 -18.38
CA ARG A 113 3.54 -6.53 -18.83
C ARG A 113 2.64 -5.30 -18.70
N ILE A 114 3.17 -4.24 -18.10
CA ILE A 114 2.42 -3.01 -17.90
C ILE A 114 3.18 -1.89 -18.58
N LYS A 115 2.56 -1.30 -19.61
CA LYS A 115 3.11 -0.16 -20.33
C LYS A 115 2.19 1.01 -20.10
N ALA A 116 2.67 1.99 -19.33
CA ALA A 116 1.85 3.09 -18.84
C ALA A 116 2.16 4.36 -19.64
N ALA A 117 1.10 5.07 -20.05
CA ALA A 117 1.27 6.35 -20.73
C ALA A 117 1.82 7.40 -19.77
N ARG A 118 1.31 7.42 -18.54
CA ARG A 118 1.68 8.41 -17.54
C ARG A 118 1.89 7.73 -16.20
N ILE A 119 2.70 8.34 -15.35
CA ILE A 119 2.83 7.90 -13.96
C ILE A 119 1.72 8.55 -13.15
N TYR A 120 1.05 7.76 -12.30
CA TYR A 120 -0.11 8.25 -11.56
C TYR A 120 0.34 9.12 -10.39
N ASP A 121 0.79 10.32 -10.74
CA ASP A 121 1.29 11.27 -9.74
C ASP A 121 0.20 11.77 -8.82
N TYR A 122 -1.07 11.53 -9.13
CA TYR A 122 -2.15 11.86 -8.20
C TYR A 122 -2.10 11.00 -6.94
N ASP A 123 -1.35 9.89 -6.95
CA ASP A 123 -1.22 9.03 -5.78
C ASP A 123 0.09 9.35 -5.09
N PRO A 124 0.09 9.84 -3.85
CA PRO A 124 1.37 10.13 -3.18
C PRO A 124 2.27 8.92 -3.07
N LEU A 125 1.72 7.71 -3.11
CA LEU A 125 2.50 6.49 -2.95
C LEU A 125 2.67 5.74 -4.27
N TYR A 126 2.70 6.45 -5.40
CA TYR A 126 2.79 5.80 -6.70
C TYR A 126 4.06 4.95 -6.82
N LYS A 127 5.15 5.42 -6.22
CA LYS A 127 6.41 4.67 -6.31
C LYS A 127 6.27 3.29 -5.67
N GLU A 128 5.54 3.20 -4.56
CA GLU A 128 5.32 1.92 -3.91
C GLU A 128 4.52 0.97 -4.80
N ALA A 129 3.56 1.51 -5.55
CA ALA A 129 2.85 0.71 -6.54
C ALA A 129 3.83 0.13 -7.56
N LEU A 130 4.66 1.00 -8.15
CA LEU A 130 5.60 0.54 -9.18
C LEU A 130 6.53 -0.54 -8.63
N GLN A 131 7.08 -0.30 -7.43
CA GLN A 131 8.02 -1.24 -6.84
C GLN A 131 7.34 -2.56 -6.50
N MET A 132 6.11 -2.49 -5.98
CA MET A 132 5.39 -3.71 -5.64
C MET A 132 5.11 -4.54 -6.87
N LEU A 133 4.61 -3.90 -7.94
CA LEU A 133 4.36 -4.63 -9.18
C LEU A 133 5.63 -5.30 -9.68
N ARG A 134 6.74 -4.55 -9.70
CA ARG A 134 8.01 -5.15 -10.09
C ARG A 134 8.33 -6.38 -9.25
N ASP A 135 8.28 -6.25 -7.92
CA ASP A 135 8.63 -7.35 -7.03
C ASP A 135 7.75 -8.57 -7.24
N ALA A 136 6.54 -8.40 -7.79
CA ALA A 136 5.65 -9.50 -8.07
C ALA A 136 5.90 -10.14 -9.43
N GLY A 137 6.84 -9.62 -10.22
CA GLY A 137 7.17 -10.20 -11.50
C GLY A 137 6.59 -9.48 -12.70
N ALA A 138 5.80 -8.42 -12.50
CA ALA A 138 5.33 -7.65 -13.64
C ALA A 138 6.47 -6.84 -14.25
N GLN A 139 6.46 -6.74 -15.58
CA GLN A 139 7.39 -5.89 -16.32
C GLN A 139 6.69 -4.56 -16.57
N VAL A 140 7.14 -3.50 -15.92
CA VAL A 140 6.52 -2.18 -16.00
C VAL A 140 7.43 -1.28 -16.83
N SER A 141 6.84 -0.57 -17.78
CA SER A 141 7.58 0.35 -18.63
C SER A 141 6.68 1.50 -19.02
N ILE A 142 7.26 2.52 -19.64
CA ILE A 142 6.53 3.70 -20.11
C ILE A 142 6.29 3.57 -21.60
N MET A 143 5.07 3.91 -22.02
CA MET A 143 4.72 3.84 -23.44
C MET A 143 5.55 4.84 -24.24
N THR A 144 6.04 4.39 -25.39
CA THR A 144 6.75 5.21 -26.36
C THR A 144 5.90 5.38 -27.61
N TYR A 145 6.41 6.15 -28.56
CA TYR A 145 5.74 6.30 -29.84
C TYR A 145 5.26 4.96 -30.39
N ASP A 146 6.14 3.94 -30.33
CA ASP A 146 5.82 2.61 -30.83
C ASP A 146 4.52 2.09 -30.23
N GLU A 147 4.40 2.15 -28.89
CA GLU A 147 3.21 1.63 -28.24
C GLU A 147 1.97 2.47 -28.52
N PHE A 148 2.11 3.81 -28.49
CA PHE A 148 0.95 4.65 -28.79
C PHE A 148 0.39 4.34 -30.18
N GLU A 149 1.29 4.21 -31.16
CA GLU A 149 0.82 3.92 -32.52
C GLU A 149 0.24 2.53 -32.61
N TYR A 150 0.83 1.55 -31.90
CA TYR A 150 0.26 0.21 -31.88
C TYR A 150 -1.17 0.23 -31.32
N CYS A 151 -1.38 0.98 -30.25
CA CYS A 151 -2.71 1.02 -29.65
C CYS A 151 -3.70 1.75 -30.55
N TRP A 152 -3.23 2.79 -31.23
CA TRP A 152 -4.06 3.48 -32.21
C TRP A 152 -4.49 2.53 -33.32
N ASP A 153 -3.56 1.73 -33.82
CA ASP A 153 -3.83 0.77 -34.88
C ASP A 153 -4.66 -0.42 -34.42
N THR A 154 -4.64 -0.74 -33.13
CA THR A 154 -5.20 -2.00 -32.63
C THR A 154 -6.53 -1.83 -31.92
N PHE A 155 -6.70 -0.77 -31.13
CA PHE A 155 -7.87 -0.61 -30.27
C PHE A 155 -8.77 0.57 -30.63
N VAL A 156 -8.41 1.39 -31.62
CA VAL A 156 -9.14 2.62 -31.90
C VAL A 156 -9.92 2.47 -33.19
N TYR A 157 -11.14 3.02 -33.19
CA TYR A 157 -11.95 3.14 -34.40
C TYR A 157 -11.37 4.29 -35.23
N ARG A 158 -10.30 3.98 -35.96
CA ARG A 158 -9.53 5.00 -36.67
C ARG A 158 -9.90 5.13 -38.14
N GLN A 159 -10.65 4.18 -38.69
CA GLN A 159 -11.06 4.22 -40.09
C GLN A 159 -9.89 4.58 -41.00
N GLY A 160 -8.85 3.75 -40.93
CA GLY A 160 -7.72 3.87 -41.83
C GLY A 160 -6.88 5.11 -41.66
N CYS A 161 -7.18 5.98 -40.69
CA CYS A 161 -6.36 7.16 -40.48
C CYS A 161 -5.08 6.78 -39.74
N PRO A 162 -3.91 7.19 -40.22
CA PRO A 162 -2.67 6.88 -39.50
C PRO A 162 -2.58 7.64 -38.19
N PHE A 163 -1.76 7.10 -37.30
CA PHE A 163 -1.51 7.76 -36.02
C PHE A 163 -0.75 9.06 -36.24
N GLN A 164 -1.16 10.09 -35.49
CA GLN A 164 -0.51 11.40 -35.54
C GLN A 164 -0.09 11.77 -34.12
N PRO A 165 1.18 12.08 -33.88
CA PRO A 165 1.61 12.34 -32.50
C PRO A 165 1.16 13.70 -32.01
N TRP A 166 0.85 13.77 -30.72
CA TRP A 166 0.56 15.04 -30.08
C TRP A 166 1.87 15.74 -29.70
N ASP A 167 1.77 17.05 -29.49
CA ASP A 167 2.96 17.83 -29.20
C ASP A 167 3.68 17.27 -27.97
N GLY A 168 4.98 17.00 -28.13
CA GLY A 168 5.83 16.57 -27.04
C GLY A 168 5.81 15.09 -26.72
N LEU A 169 5.16 14.25 -27.53
CA LEU A 169 5.01 12.85 -27.18
C LEU A 169 6.35 12.24 -26.78
N GLU A 170 7.35 12.39 -27.64
CA GLU A 170 8.63 11.72 -27.42
C GLU A 170 9.35 12.27 -26.19
N GLU A 171 9.32 13.60 -26.01
CA GLU A 171 9.98 14.21 -24.85
C GLU A 171 9.38 13.71 -23.54
N HIS A 172 8.05 13.82 -23.41
CA HIS A 172 7.38 13.32 -22.22
C HIS A 172 7.68 11.86 -22.00
N SER A 173 7.64 11.05 -23.06
CA SER A 173 7.88 9.63 -22.89
C SER A 173 9.28 9.38 -22.33
N GLN A 174 10.29 10.09 -22.85
CA GLN A 174 11.64 9.86 -22.38
C GLN A 174 11.81 10.31 -20.93
N ALA A 175 11.25 11.47 -20.58
CA ALA A 175 11.34 11.95 -19.20
C ALA A 175 10.68 10.97 -18.23
N LEU A 176 9.44 10.55 -18.54
CA LEU A 176 8.74 9.61 -17.67
C LEU A 176 9.48 8.29 -17.58
N SER A 177 10.10 7.86 -18.69
CA SER A 177 10.85 6.61 -18.69
C SER A 177 12.04 6.72 -17.76
N GLY A 178 12.77 7.84 -17.80
CA GLY A 178 13.86 8.04 -16.86
C GLY A 178 13.38 8.04 -15.42
N ARG A 179 12.26 8.72 -15.14
CA ARG A 179 11.69 8.65 -13.81
C ARG A 179 11.45 7.20 -13.39
N LEU A 180 10.74 6.44 -14.23
CA LEU A 180 10.36 5.08 -13.87
C LEU A 180 11.59 4.23 -13.62
N ARG A 181 12.56 4.29 -14.52
CA ARG A 181 13.75 3.46 -14.35
C ARG A 181 14.50 3.86 -13.08
N ALA A 182 14.52 5.16 -12.76
CA ALA A 182 15.13 5.59 -11.52
C ALA A 182 14.41 4.98 -10.31
N ILE A 183 13.08 4.95 -10.35
CA ILE A 183 12.31 4.43 -9.22
C ILE A 183 12.58 2.94 -9.03
N LEU A 184 12.67 2.20 -10.13
CA LEU A 184 12.77 0.74 -10.07
C LEU A 184 14.21 0.23 -10.09
N GLN A 185 15.20 1.12 -10.05
CA GLN A 185 16.61 0.71 -10.02
C GLN A 185 16.85 -0.38 -8.99
N ARG B 5 2.61 10.71 35.42
CA ARG B 5 2.79 9.35 34.90
C ARG B 5 1.71 8.42 35.43
N TYR B 6 0.77 8.03 34.56
CA TYR B 6 -0.39 7.24 34.94
C TYR B 6 -0.22 5.82 34.43
N LEU B 7 -0.51 4.83 35.29
CA LEU B 7 -0.33 3.43 34.97
C LEU B 7 -1.67 2.77 34.62
N MET B 8 -1.63 1.88 33.63
CA MET B 8 -2.83 1.28 33.08
C MET B 8 -3.39 0.21 34.00
N ASP B 9 -4.71 0.10 33.99
CA ASP B 9 -5.38 -0.98 34.70
C ASP B 9 -4.95 -2.34 34.15
N PRO B 10 -4.61 -3.31 34.99
CA PRO B 10 -4.12 -4.59 34.45
C PRO B 10 -5.13 -5.31 33.58
N ASP B 11 -6.41 -5.31 33.97
CA ASP B 11 -7.44 -5.96 33.16
C ASP B 11 -7.57 -5.30 31.80
N THR B 12 -7.43 -3.97 31.75
CA THR B 12 -7.44 -3.27 30.47
C THR B 12 -6.29 -3.73 29.59
N PHE B 13 -5.09 -3.82 30.17
CA PHE B 13 -3.94 -4.28 29.41
C PHE B 13 -4.17 -5.69 28.86
N THR B 14 -4.59 -6.62 29.73
CA THR B 14 -4.72 -8.01 29.31
C THR B 14 -5.81 -8.14 28.24
N SER B 15 -6.90 -7.39 28.40
CA SER B 15 -8.00 -7.47 27.45
C SER B 15 -7.61 -6.91 26.09
N ASN B 16 -6.83 -5.83 26.08
CA ASN B 16 -6.52 -5.17 24.82
C ASN B 16 -5.29 -5.73 24.12
N PHE B 17 -4.38 -6.37 24.84
CA PHE B 17 -3.15 -6.84 24.21
C PHE B 17 -3.12 -8.33 23.98
N ASN B 18 -4.11 -9.09 24.44
CA ASN B 18 -4.23 -10.49 24.06
C ASN B 18 -4.12 -10.63 22.54
N ASN B 19 -3.21 -11.48 22.09
CA ASN B 19 -2.86 -11.55 20.68
C ASN B 19 -3.42 -12.78 19.99
N ASP B 20 -4.51 -13.33 20.51
CA ASP B 20 -5.22 -14.41 19.82
C ASP B 20 -5.88 -13.84 18.56
N PRO B 21 -5.47 -14.22 17.35
CA PRO B 21 -6.01 -13.56 16.15
C PRO B 21 -7.37 -14.09 15.70
N LEU B 22 -7.85 -15.18 16.27
CA LEU B 22 -9.14 -15.77 15.90
C LEU B 22 -10.27 -15.30 16.81
N VAL B 23 -10.11 -14.17 17.47
CA VAL B 23 -11.14 -13.61 18.33
C VAL B 23 -11.70 -12.36 17.67
N LEU B 24 -13.02 -12.22 17.72
CA LEU B 24 -13.65 -11.00 17.26
C LEU B 24 -13.60 -9.97 18.40
N ARG B 25 -12.94 -8.85 18.15
CA ARG B 25 -12.71 -7.83 19.16
C ARG B 25 -13.34 -6.51 18.74
N ARG B 26 -13.52 -5.61 19.70
CA ARG B 26 -13.97 -4.28 19.33
C ARG B 26 -12.80 -3.49 18.78
N ARG B 27 -13.15 -2.46 17.99
CA ARG B 27 -12.15 -1.66 17.28
C ARG B 27 -11.63 -0.53 18.17
N GLN B 28 -11.05 -0.93 19.28
CA GLN B 28 -10.35 -0.03 20.18
C GLN B 28 -8.87 -0.39 20.17
N THR B 29 -8.02 0.63 20.29
CA THR B 29 -6.57 0.49 20.25
C THR B 29 -5.96 1.11 21.49
N TYR B 30 -5.03 0.40 22.13
CA TYR B 30 -4.17 0.99 23.15
C TYR B 30 -2.74 1.05 22.62
N LEU B 31 -2.08 2.16 22.90
CA LEU B 31 -0.76 2.48 22.35
C LEU B 31 0.12 2.95 23.50
N CYS B 32 1.05 2.11 23.94
CA CYS B 32 2.05 2.49 24.93
C CYS B 32 3.25 3.06 24.18
N TYR B 33 3.72 4.22 24.61
CA TYR B 33 4.82 4.89 23.92
C TYR B 33 5.96 5.18 24.88
N GLU B 34 7.18 5.13 24.35
CA GLU B 34 8.34 5.64 25.05
C GLU B 34 9.22 6.39 24.06
N VAL B 35 9.89 7.43 24.55
CA VAL B 35 10.72 8.29 23.73
C VAL B 35 12.10 8.35 24.36
N GLU B 36 13.13 7.98 23.58
CA GLU B 36 14.51 8.02 24.03
C GLU B 36 15.28 9.04 23.20
N ARG B 37 16.24 9.70 23.84
CA ARG B 37 17.02 10.76 23.18
C ARG B 37 18.07 10.18 22.24
N ASP B 47 13.47 6.59 28.01
CA ASP B 47 14.05 7.08 29.25
C ASP B 47 13.62 8.51 29.54
N GLN B 48 12.73 9.06 28.71
CA GLN B 48 12.25 10.42 28.88
C GLN B 48 10.73 10.36 28.99
N HIS B 49 9.99 10.64 27.92
CA HIS B 49 8.53 10.69 27.98
C HIS B 49 7.96 9.30 27.73
N MET B 50 7.02 8.88 28.58
CA MET B 50 6.43 7.56 28.53
C MET B 50 4.96 7.64 28.88
N GLY B 51 4.14 6.82 28.25
CA GLY B 51 2.73 6.81 28.60
C GLY B 51 1.93 5.88 27.72
N PHE B 52 0.60 6.05 27.76
CA PHE B 52 -0.26 5.26 26.90
C PHE B 52 -1.47 6.08 26.48
N LEU B 53 -2.04 5.72 25.34
CA LEU B 53 -3.15 6.42 24.71
C LEU B 53 -4.13 5.38 24.17
N CYS B 54 -5.39 5.78 23.98
CA CYS B 54 -6.36 4.95 23.27
C CYS B 54 -7.13 5.83 22.30
N ASN B 55 -7.88 5.17 21.39
CA ASN B 55 -8.78 5.92 20.52
C ASN B 55 -9.80 6.66 21.37
N GLU B 56 -10.11 7.89 20.98
CA GLU B 56 -11.12 8.70 21.67
C GLU B 56 -11.98 9.41 20.65
N SER B 57 -13.27 9.08 20.63
CA SER B 57 -14.28 9.78 19.83
C SER B 57 -13.79 10.00 18.40
N GLY B 58 -13.58 8.88 17.70
CA GLY B 58 -13.18 8.92 16.31
C GLY B 58 -11.74 9.26 16.03
N ARG B 59 -10.99 9.69 17.03
CA ARG B 59 -9.57 10.02 16.86
C ARG B 59 -8.73 8.85 17.34
N HIS B 60 -8.00 8.23 16.42
CA HIS B 60 -7.22 7.04 16.74
C HIS B 60 -5.99 7.39 17.59
N ALA B 61 -5.53 6.40 18.36
CA ALA B 61 -4.43 6.61 19.30
C ALA B 61 -3.20 7.18 18.60
N GLU B 62 -2.88 6.67 17.41
CA GLU B 62 -1.71 7.17 16.68
C GLU B 62 -1.79 8.69 16.51
N LEU B 63 -2.91 9.17 16.00
CA LEU B 63 -3.10 10.60 15.80
C LEU B 63 -2.99 11.35 17.12
N ARG B 64 -3.49 10.77 18.22
CA ARG B 64 -3.38 11.45 19.51
C ARG B 64 -1.91 11.58 19.93
N PHE B 65 -1.10 10.56 19.68
CA PHE B 65 0.33 10.70 19.94
C PHE B 65 0.93 11.83 19.11
N LEU B 66 0.68 11.83 17.80
CA LEU B 66 1.13 12.94 16.96
C LEU B 66 0.71 14.28 17.55
N ASP B 67 -0.59 14.44 17.83
CA ASP B 67 -1.09 15.68 18.43
C ASP B 67 -0.31 16.04 19.68
N LEU B 68 0.21 15.04 20.37
CA LEU B 68 0.90 15.23 21.63
C LEU B 68 2.39 15.51 21.47
N VAL B 69 2.94 15.34 20.26
CA VAL B 69 4.37 15.57 20.06
C VAL B 69 4.79 16.99 20.44
N PRO B 70 4.09 18.05 20.03
CA PRO B 70 4.57 19.41 20.34
C PRO B 70 4.84 19.64 21.82
N SER B 71 3.99 19.13 22.70
CA SER B 71 4.14 19.38 24.13
C SER B 71 5.43 18.77 24.68
N LEU B 72 6.03 17.83 23.97
CA LEU B 72 7.22 17.15 24.48
C LEU B 72 8.46 18.04 24.48
N GLN B 73 8.37 19.27 23.96
CA GLN B 73 9.50 20.19 23.92
C GLN B 73 10.79 19.47 23.56
N LEU B 74 10.87 18.94 22.33
CA LEU B 74 12.06 18.21 21.90
C LEU B 74 13.14 19.17 21.43
N ASP B 75 14.09 18.66 20.66
CA ASP B 75 15.18 19.46 20.13
C ASP B 75 15.43 19.08 18.68
N PRO B 76 15.09 19.94 17.70
CA PRO B 76 15.33 19.57 16.29
C PRO B 76 16.80 19.30 15.98
N ALA B 77 17.71 19.58 16.89
CA ALA B 77 19.12 19.23 16.72
C ALA B 77 19.45 17.84 17.25
N GLN B 78 18.58 17.26 18.07
CA GLN B 78 18.81 15.95 18.65
C GLN B 78 18.06 14.87 17.87
N ILE B 79 18.55 13.64 17.99
CA ILE B 79 17.91 12.47 17.39
C ILE B 79 17.18 11.70 18.48
N TYR B 80 15.98 11.20 18.15
CA TYR B 80 15.12 10.52 19.10
C TYR B 80 14.61 9.22 18.50
N ARG B 81 14.46 8.22 19.37
CA ARG B 81 13.84 6.95 19.00
C ARG B 81 12.52 6.83 19.76
N VAL B 82 11.41 6.77 19.02
CA VAL B 82 10.08 6.60 19.58
C VAL B 82 9.65 5.16 19.36
N THR B 83 9.21 4.51 20.43
CA THR B 83 8.70 3.14 20.35
C THR B 83 7.22 3.14 20.71
N TRP B 84 6.43 2.48 19.86
CA TRP B 84 5.01 2.22 20.09
C TRP B 84 4.83 0.72 20.31
N PHE B 85 4.26 0.35 21.45
CA PHE B 85 3.70 -0.97 21.66
C PHE B 85 2.19 -0.83 21.51
N ILE B 86 1.65 -1.23 20.35
CA ILE B 86 0.29 -0.89 19.95
C ILE B 86 -0.50 -2.18 19.76
N SER B 87 -1.75 -2.18 20.22
CA SER B 87 -2.50 -3.43 20.26
C SER B 87 -3.02 -3.83 18.88
N TRP B 88 -3.28 -2.86 18.00
CA TRP B 88 -3.60 -3.08 16.59
C TRP B 88 -2.56 -2.38 15.72
N SER B 89 -2.20 -3.00 14.60
CA SER B 89 -1.39 -2.29 13.62
C SER B 89 -2.15 -1.07 13.10
N PRO B 90 -1.45 0.01 12.75
CA PRO B 90 -2.16 1.23 12.32
C PRO B 90 -2.97 1.01 11.05
N CYS B 91 -4.10 1.73 10.96
CA CYS B 91 -4.98 1.64 9.80
C CYS B 91 -4.47 2.51 8.65
N PHE B 92 -5.06 2.28 7.47
CA PHE B 92 -4.83 3.09 6.29
C PHE B 92 -6.04 3.94 5.91
N SER B 93 -7.22 3.32 5.80
CA SER B 93 -8.39 3.99 5.24
C SER B 93 -8.79 5.21 6.06
N TRP B 94 -8.48 5.25 7.36
CA TRP B 94 -8.92 6.33 8.23
C TRP B 94 -7.79 7.29 8.58
N GLY B 95 -6.65 7.23 7.86
CA GLY B 95 -5.69 8.31 7.85
C GLY B 95 -4.43 8.10 8.68
N CYS B 96 -4.40 7.11 9.57
CA CYS B 96 -3.28 7.01 10.50
C CYS B 96 -1.96 6.81 9.77
N ALA B 97 -1.89 5.82 8.88
CA ALA B 97 -0.66 5.59 8.14
C ALA B 97 -0.20 6.84 7.42
N GLY B 98 -1.12 7.54 6.75
CA GLY B 98 -0.75 8.76 6.04
C GLY B 98 -0.21 9.83 6.96
N GLU B 99 -0.92 10.09 8.06
CA GLU B 99 -0.48 11.13 8.98
C GLU B 99 0.86 10.81 9.61
N VAL B 100 1.09 9.54 9.93
CA VAL B 100 2.36 9.13 10.53
C VAL B 100 3.49 9.24 9.51
N ARG B 101 3.24 8.83 8.26
CA ARG B 101 4.23 9.05 7.21
C ARG B 101 4.57 10.52 7.10
N ALA B 102 3.54 11.38 7.09
CA ALA B 102 3.77 12.82 6.98
C ALA B 102 4.63 13.30 8.15
N PHE B 103 4.33 12.83 9.36
CA PHE B 103 5.14 13.22 10.52
C PHE B 103 6.58 12.80 10.36
N LEU B 104 6.82 11.56 9.88
CA LEU B 104 8.20 11.10 9.74
C LEU B 104 8.94 11.91 8.67
N GLN B 105 8.29 12.22 7.56
CA GLN B 105 8.92 13.07 6.55
C GLN B 105 9.17 14.47 7.06
N GLU B 106 8.32 14.97 7.95
CA GLU B 106 8.41 16.32 8.48
C GLU B 106 9.23 16.40 9.77
N ASN B 107 9.78 15.27 10.24
CA ASN B 107 10.57 15.23 11.47
C ASN B 107 11.61 14.12 11.29
N THR B 108 12.63 14.42 10.49
CA THR B 108 13.62 13.41 10.14
C THR B 108 14.46 12.98 11.33
N HIS B 109 14.59 13.82 12.36
CA HIS B 109 15.34 13.44 13.55
C HIS B 109 14.63 12.41 14.40
N VAL B 110 13.41 12.00 14.05
CA VAL B 110 12.65 11.01 14.80
C VAL B 110 12.71 9.69 14.05
N ARG B 111 13.00 8.61 14.78
CA ARG B 111 13.01 7.27 14.24
C ARG B 111 12.01 6.42 15.01
N LEU B 112 11.08 5.78 14.29
CA LEU B 112 9.93 5.15 14.89
C LEU B 112 10.00 3.63 14.77
N ARG B 113 9.79 2.95 15.90
CA ARG B 113 9.59 1.51 15.95
C ARG B 113 8.15 1.22 16.35
N ILE B 114 7.46 0.44 15.54
CA ILE B 114 6.07 0.06 15.81
C ILE B 114 6.03 -1.44 16.05
N LYS B 115 5.58 -1.84 17.24
CA LYS B 115 5.46 -3.24 17.63
C LYS B 115 4.00 -3.50 17.93
N ALA B 116 3.36 -4.31 17.09
CA ALA B 116 1.91 -4.49 17.12
C ALA B 116 1.56 -5.86 17.68
N ALA B 117 0.55 -5.88 18.56
CA ALA B 117 0.07 -7.15 19.08
C ALA B 117 -0.66 -7.94 18.01
N ARG B 118 -1.49 -7.27 17.23
CA ARG B 118 -2.32 -7.90 16.22
C ARG B 118 -2.26 -7.07 14.95
N ILE B 119 -2.64 -7.69 13.85
CA ILE B 119 -2.75 -7.01 12.57
C ILE B 119 -4.20 -6.63 12.34
N TYR B 120 -4.43 -5.36 12.03
CA TYR B 120 -5.78 -4.79 11.92
C TYR B 120 -6.32 -5.00 10.51
N ASP B 121 -6.75 -6.22 10.22
CA ASP B 121 -7.23 -6.52 8.89
C ASP B 121 -8.71 -6.21 8.71
N TYR B 122 -9.38 -5.70 9.74
CA TYR B 122 -10.68 -5.06 9.53
C TYR B 122 -10.57 -3.98 8.45
N ASP B 123 -9.42 -3.32 8.35
CA ASP B 123 -9.20 -2.35 7.30
C ASP B 123 -8.83 -3.06 6.00
N PRO B 124 -9.56 -2.85 4.91
CA PRO B 124 -9.19 -3.52 3.65
C PRO B 124 -7.82 -3.15 3.14
N LEU B 125 -7.29 -2.00 3.52
CA LEU B 125 -5.98 -1.53 3.07
C LEU B 125 -4.91 -1.65 4.16
N TYR B 126 -5.09 -2.59 5.10
CA TYR B 126 -4.15 -2.71 6.21
C TYR B 126 -2.74 -3.05 5.73
N LYS B 127 -2.65 -3.83 4.64
CA LYS B 127 -1.34 -4.17 4.10
C LYS B 127 -0.62 -2.91 3.61
N GLU B 128 -1.36 -2.03 2.95
CA GLU B 128 -0.77 -0.77 2.46
C GLU B 128 -0.28 0.08 3.62
N ALA B 129 -1.02 0.08 4.74
CA ALA B 129 -0.54 0.77 5.93
C ALA B 129 0.83 0.24 6.35
N LEU B 130 0.94 -1.08 6.54
CA LEU B 130 2.22 -1.64 6.99
C LEU B 130 3.33 -1.35 5.99
N GLN B 131 3.05 -1.53 4.71
CA GLN B 131 4.09 -1.40 3.68
C GLN B 131 4.57 0.05 3.59
N MET B 132 3.64 1.00 3.57
CA MET B 132 4.05 2.38 3.40
C MET B 132 4.71 2.93 4.66
N LEU B 133 4.30 2.44 5.83
CA LEU B 133 5.03 2.80 7.04
C LEU B 133 6.46 2.29 6.99
N ARG B 134 6.65 1.04 6.57
CA ARG B 134 8.00 0.51 6.42
C ARG B 134 8.80 1.36 5.44
N ASP B 135 8.19 1.76 4.32
CA ASP B 135 8.92 2.51 3.31
C ASP B 135 9.33 3.90 3.77
N ALA B 136 8.63 4.47 4.75
CA ALA B 136 8.97 5.77 5.30
C ALA B 136 9.98 5.70 6.42
N GLY B 137 10.54 4.53 6.71
CA GLY B 137 11.61 4.39 7.66
C GLY B 137 11.24 3.80 9.00
N ALA B 138 9.98 3.45 9.22
CA ALA B 138 9.55 2.87 10.48
C ALA B 138 9.88 1.38 10.54
N GLN B 139 10.38 0.94 11.69
CA GLN B 139 10.59 -0.47 11.96
C GLN B 139 9.28 -1.08 12.47
N VAL B 140 8.69 -1.98 11.69
CA VAL B 140 7.37 -2.54 12.00
C VAL B 140 7.54 -4.03 12.27
N SER B 141 7.02 -4.48 13.42
CA SER B 141 7.12 -5.89 13.81
C SER B 141 6.00 -6.22 14.77
N ILE B 142 5.87 -7.51 15.05
CA ILE B 142 4.86 -8.04 15.94
C ILE B 142 5.44 -8.22 17.33
N MET B 143 4.68 -7.83 18.35
CA MET B 143 5.12 -8.01 19.73
C MET B 143 5.31 -9.48 20.07
N THR B 144 6.37 -9.78 20.81
CA THR B 144 6.63 -11.12 21.33
C THR B 144 6.47 -11.07 22.85
N TYR B 145 6.65 -12.24 23.47
CA TYR B 145 6.56 -12.33 24.92
C TYR B 145 7.40 -11.26 25.61
N ASP B 146 8.62 -11.06 25.11
CA ASP B 146 9.53 -10.05 25.67
C ASP B 146 8.84 -8.70 25.73
N GLU B 147 8.22 -8.29 24.63
CA GLU B 147 7.57 -6.98 24.57
C GLU B 147 6.35 -6.92 25.47
N PHE B 148 5.54 -7.99 25.50
CA PHE B 148 4.35 -8.00 26.34
C PHE B 148 4.72 -7.86 27.81
N GLU B 149 5.72 -8.62 28.26
CA GLU B 149 6.13 -8.54 29.65
C GLU B 149 6.78 -7.19 29.97
N TYR B 150 7.56 -6.65 29.02
CA TYR B 150 8.12 -5.32 29.24
C TYR B 150 7.01 -4.28 29.42
N CYS B 151 5.97 -4.34 28.58
CA CYS B 151 4.87 -3.41 28.72
C CYS B 151 4.13 -3.60 30.05
N TRP B 152 3.88 -4.86 30.43
CA TRP B 152 3.31 -5.12 31.74
C TRP B 152 4.16 -4.48 32.85
N ASP B 153 5.47 -4.68 32.77
CA ASP B 153 6.37 -4.22 33.83
C ASP B 153 6.58 -2.72 33.82
N THR B 154 6.21 -2.04 32.74
CA THR B 154 6.53 -0.62 32.57
C THR B 154 5.31 0.29 32.59
N PHE B 155 4.23 -0.10 31.92
CA PHE B 155 3.07 0.78 31.73
C PHE B 155 1.84 0.39 32.55
N VAL B 156 1.87 -0.72 33.29
CA VAL B 156 0.69 -1.27 33.94
C VAL B 156 0.81 -1.09 35.45
N TYR B 157 -0.34 -0.86 36.09
CA TYR B 157 -0.42 -0.78 37.54
C TYR B 157 -0.48 -2.20 38.07
N ARG B 158 0.70 -2.79 38.27
CA ARG B 158 0.84 -4.21 38.56
C ARG B 158 1.14 -4.50 40.02
N GLN B 159 1.55 -3.50 40.79
CA GLN B 159 1.88 -3.65 42.20
C GLN B 159 2.79 -4.87 42.42
N GLY B 160 3.92 -4.86 41.74
CA GLY B 160 4.93 -5.87 41.96
C GLY B 160 4.51 -7.28 41.58
N CYS B 161 3.40 -7.44 40.87
CA CYS B 161 3.02 -8.77 40.40
C CYS B 161 3.59 -9.02 39.02
N PRO B 162 4.18 -10.19 38.77
CA PRO B 162 4.82 -10.44 37.48
C PRO B 162 3.80 -10.72 36.39
N PHE B 163 4.25 -10.53 35.16
CA PHE B 163 3.43 -10.80 33.99
C PHE B 163 2.99 -12.26 33.98
N GLN B 164 1.70 -12.47 33.79
CA GLN B 164 1.15 -13.82 33.69
C GLN B 164 0.63 -14.02 32.28
N PRO B 165 1.25 -14.87 31.47
CA PRO B 165 0.86 -14.94 30.05
C PRO B 165 -0.50 -15.57 29.85
N TRP B 166 -1.16 -15.16 28.77
CA TRP B 166 -2.37 -15.81 28.30
C TRP B 166 -2.03 -17.00 27.42
N ASP B 167 -3.01 -17.88 27.26
CA ASP B 167 -2.83 -19.11 26.50
C ASP B 167 -2.34 -18.80 25.08
N GLY B 168 -1.36 -19.59 24.63
CA GLY B 168 -0.92 -19.53 23.24
C GLY B 168 -0.21 -18.26 22.84
N LEU B 169 0.22 -17.44 23.79
CA LEU B 169 0.82 -16.15 23.45
C LEU B 169 1.91 -16.31 22.39
N GLU B 170 2.89 -17.18 22.65
CA GLU B 170 4.06 -17.27 21.79
C GLU B 170 3.70 -17.76 20.39
N GLU B 171 2.86 -18.78 20.31
CA GLU B 171 2.44 -19.29 19.00
C GLU B 171 1.70 -18.22 18.21
N HIS B 172 0.80 -17.48 18.87
CA HIS B 172 0.13 -16.37 18.20
C HIS B 172 1.13 -15.38 17.65
N SER B 173 2.10 -14.98 18.48
CA SER B 173 3.08 -14.00 18.05
C SER B 173 3.88 -14.50 16.84
N GLN B 174 4.23 -15.79 16.84
CA GLN B 174 4.99 -16.34 15.70
C GLN B 174 4.14 -16.39 14.44
N ALA B 175 2.86 -16.73 14.56
CA ALA B 175 1.99 -16.76 13.38
C ALA B 175 1.82 -15.36 12.80
N LEU B 176 1.51 -14.38 13.65
CA LEU B 176 1.31 -13.03 13.17
C LEU B 176 2.61 -12.46 12.61
N SER B 177 3.74 -12.76 13.26
CA SER B 177 5.04 -12.33 12.75
C SER B 177 5.30 -12.89 11.36
N GLY B 178 5.01 -14.18 11.17
CA GLY B 178 5.17 -14.76 9.85
C GLY B 178 4.32 -14.04 8.83
N ARG B 179 3.08 -13.72 9.19
CA ARG B 179 2.19 -13.03 8.25
C ARG B 179 2.71 -11.64 7.92
N LEU B 180 3.15 -10.88 8.94
CA LEU B 180 3.65 -9.54 8.71
C LEU B 180 4.87 -9.57 7.80
N ARG B 181 5.79 -10.48 8.08
CA ARG B 181 6.99 -10.58 7.25
C ARG B 181 6.65 -10.92 5.82
N ALA B 182 5.69 -11.82 5.61
CA ALA B 182 5.21 -12.10 4.26
C ALA B 182 4.62 -10.84 3.60
N ILE B 183 3.86 -10.06 4.36
CA ILE B 183 3.27 -8.83 3.81
C ILE B 183 4.37 -7.88 3.38
N LEU B 184 5.42 -7.73 4.19
CA LEU B 184 6.47 -6.75 3.93
C LEU B 184 7.55 -7.25 2.98
N GLN B 185 7.52 -8.52 2.60
CA GLN B 185 8.49 -9.04 1.63
C GLN B 185 8.33 -8.33 0.29
#